data_2HWN
#
_entry.id   2HWN
#
_cell.length_a   99.551
_cell.length_b   44.561
_cell.length_c   72.802
_cell.angle_alpha   90.00
_cell.angle_beta   124.07
_cell.angle_gamma   90.00
#
_symmetry.space_group_name_H-M   'C 1 2 1'
#
loop_
_entity.id
_entity.type
_entity.pdbx_description
1 polymer 'cAMP-dependent protein kinase type II-alpha regulatory subunit'
2 polymer 'A Kinase binding peptide'
3 non-polymer GLYCEROL
4 water water
#
loop_
_entity_poly.entity_id
_entity_poly.type
_entity_poly.pdbx_seq_one_letter_code
_entity_poly.pdbx_strand_id
1 'polypeptide(L)' MSHIQIPPGLTELLQGYTVEVLRQQPPDLVDFAVEYFTRLREARR A,B,C,D
2 'polypeptide(L)' QEELAWKIAKMIVSDVMQQCKK E,F
#
loop_
_chem_comp.id
_chem_comp.type
_chem_comp.name
_chem_comp.formula
GOL non-polymer GLYCEROL 'C3 H8 O3'
#
# COMPACT_ATOMS: atom_id res chain seq x y z
N ILE A 6 -11.85 0.75 -30.08
CA ILE A 6 -11.29 0.97 -28.71
C ILE A 6 -11.57 2.40 -28.23
N PRO A 7 -12.23 2.53 -27.07
CA PRO A 7 -12.57 3.84 -26.50
C PRO A 7 -11.33 4.62 -26.07
N PRO A 8 -11.45 5.96 -25.97
CA PRO A 8 -10.35 6.79 -25.45
C PRO A 8 -9.86 6.30 -24.09
N GLY A 9 -8.54 6.09 -23.98
CA GLY A 9 -7.92 5.84 -22.69
C GLY A 9 -7.96 4.45 -22.08
N LEU A 10 -8.52 3.47 -22.77
CA LEU A 10 -8.62 2.11 -22.22
C LEU A 10 -7.24 1.48 -22.01
N THR A 11 -6.38 1.59 -23.02
CA THR A 11 -5.03 1.03 -22.92
C THR A 11 -4.27 1.65 -21.76
N GLU A 12 -4.43 2.96 -21.58
CA GLU A 12 -3.76 3.71 -20.53
C GLU A 12 -4.21 3.25 -19.14
N LEU A 13 -5.51 3.02 -19.00
CA LEU A 13 -6.06 2.52 -17.74
C LEU A 13 -5.54 1.12 -17.44
N LEU A 14 -5.52 0.25 -18.44
CA LEU A 14 -5.04 -1.12 -18.25
C LEU A 14 -3.55 -1.14 -17.93
N GLN A 15 -2.76 -0.33 -18.65
CA GLN A 15 -1.31 -0.29 -18.43
C GLN A 15 -0.97 0.24 -17.04
N GLY A 16 -1.65 1.30 -16.62
CA GLY A 16 -1.41 1.91 -15.31
C GLY A 16 -1.64 0.93 -14.18
N TYR A 17 -2.77 0.24 -14.20
CA TYR A 17 -3.09 -0.76 -13.17
C TYR A 17 -2.11 -1.91 -13.22
N THR A 18 -1.90 -2.46 -14.42
CA THR A 18 -1.05 -3.63 -14.58
C THR A 18 0.39 -3.36 -14.14
N VAL A 19 0.97 -2.24 -14.55
CA VAL A 19 2.35 -1.95 -14.16
C VAL A 19 2.47 -1.77 -12.64
N GLU A 20 1.44 -1.21 -12.02
CA GLU A 20 1.46 -1.07 -10.56
C GLU A 20 1.33 -2.42 -9.84
N VAL A 21 0.56 -3.34 -10.40
CA VAL A 21 0.54 -4.70 -9.85
C VAL A 21 1.94 -5.30 -9.90
N LEU A 22 2.62 -5.12 -11.03
CA LEU A 22 3.96 -5.66 -11.21
C LEU A 22 5.00 -4.99 -10.33
N ARG A 23 4.86 -3.68 -10.13
CA ARG A 23 5.80 -2.91 -9.30
C ARG A 23 5.59 -3.17 -7.80
N GLN A 24 4.33 -3.23 -7.38
CA GLN A 24 3.97 -3.24 -5.94
C GLN A 24 3.69 -4.61 -5.34
N GLN A 25 3.32 -5.58 -6.18
CA GLN A 25 2.99 -6.92 -5.69
C GLN A 25 1.92 -6.88 -4.57
N PRO A 26 0.73 -6.37 -4.89
CA PRO A 26 -0.35 -6.32 -3.89
C PRO A 26 -0.82 -7.74 -3.53
N PRO A 27 -1.23 -7.96 -2.28
CA PRO A 27 -1.67 -9.28 -1.83
C PRO A 27 -2.94 -9.78 -2.50
N ASP A 28 -3.80 -8.87 -2.92
CA ASP A 28 -5.07 -9.24 -3.54
C ASP A 28 -5.39 -8.30 -4.70
N LEU A 29 -5.57 -8.88 -5.88
CA LEU A 29 -5.77 -8.11 -7.11
C LEU A 29 -7.05 -7.27 -7.13
N VAL A 30 -8.17 -7.80 -6.63
CA VAL A 30 -9.40 -6.99 -6.71
C VAL A 30 -9.45 -5.89 -5.65
N ASP A 31 -8.96 -6.18 -4.43
CA ASP A 31 -8.78 -5.13 -3.41
C ASP A 31 -7.92 -4.00 -3.98
N PHE A 32 -6.80 -4.36 -4.62
CA PHE A 32 -5.93 -3.37 -5.22
C PHE A 32 -6.63 -2.58 -6.32
N ALA A 33 -7.43 -3.27 -7.13
CA ALA A 33 -8.20 -2.61 -8.19
C ALA A 33 -9.16 -1.57 -7.62
N VAL A 34 -9.90 -1.95 -6.57
CA VAL A 34 -10.82 -1.03 -5.93
C VAL A 34 -10.05 0.20 -5.44
N GLU A 35 -8.93 -0.06 -4.74
CA GLU A 35 -8.09 1.02 -4.19
C GLU A 35 -7.52 1.93 -5.27
N TYR A 36 -6.93 1.32 -6.31
CA TYR A 36 -6.25 2.02 -7.39
C TYR A 36 -7.19 2.92 -8.19
N PHE A 37 -8.33 2.36 -8.61
CA PHE A 37 -9.27 3.14 -9.41
C PHE A 37 -10.02 4.21 -8.60
N THR A 38 -10.21 3.97 -7.30
CA THR A 38 -10.80 4.98 -6.42
C THR A 38 -9.86 6.18 -6.28
N ARG A 39 -8.57 5.91 -6.10
CA ARG A 39 -7.55 6.95 -6.07
C ARG A 39 -7.56 7.79 -7.34
N LEU A 40 -7.64 7.12 -8.49
CA LEU A 40 -7.67 7.80 -9.80
C LEU A 40 -8.89 8.70 -9.91
N ARG A 41 -10.04 8.17 -9.53
CA ARG A 41 -11.30 8.92 -9.52
C ARG A 41 -11.21 10.16 -8.63
N GLU A 42 -10.60 10.01 -7.46
CA GLU A 42 -10.42 11.13 -6.52
C GLU A 42 -9.42 12.17 -7.03
N ALA A 43 -8.40 11.72 -7.74
CA ALA A 43 -7.35 12.60 -8.27
C ALA A 43 -7.86 13.49 -9.41
N ARG A 44 -8.90 13.02 -10.10
CA ARG A 44 -9.54 13.80 -11.16
C ARG A 44 -10.60 14.73 -10.59
N MET B 1 18.28 -10.94 -9.13
CA MET B 1 17.98 -9.53 -8.76
C MET B 1 17.18 -8.82 -9.85
N SER B 2 16.02 -8.30 -9.46
CA SER B 2 15.12 -7.53 -10.35
C SER B 2 14.17 -8.41 -11.19
N HIS B 3 13.82 -9.56 -10.64
CA HIS B 3 12.77 -10.42 -11.20
C HIS B 3 11.41 -9.76 -11.03
N ILE B 4 10.50 -10.04 -11.95
CA ILE B 4 9.14 -9.54 -11.89
C ILE B 4 8.16 -10.68 -11.58
N GLN B 5 7.26 -10.45 -10.63
CA GLN B 5 6.26 -11.44 -10.27
C GLN B 5 4.96 -11.21 -11.03
N ILE B 6 4.51 -12.25 -11.74
CA ILE B 6 3.18 -12.25 -12.34
C ILE B 6 2.25 -13.10 -11.49
N PRO B 7 1.27 -12.48 -10.84
CA PRO B 7 0.35 -13.25 -10.01
C PRO B 7 -0.65 -14.02 -10.88
N PRO B 8 -1.19 -15.13 -10.35
CA PRO B 8 -2.21 -15.85 -11.11
C PRO B 8 -3.47 -14.99 -11.17
N GLY B 9 -4.23 -15.10 -12.24
CA GLY B 9 -5.51 -14.40 -12.28
C GLY B 9 -5.47 -12.94 -12.70
N LEU B 10 -4.27 -12.40 -12.91
CA LEU B 10 -4.13 -11.03 -13.43
C LEU B 10 -4.73 -10.88 -14.82
N THR B 11 -4.30 -11.74 -15.75
CA THR B 11 -4.83 -11.69 -17.12
C THR B 11 -6.36 -11.85 -17.12
N GLU B 12 -6.87 -12.81 -16.36
CA GLU B 12 -8.31 -13.09 -16.31
C GLU B 12 -9.10 -11.90 -15.77
N LEU B 13 -8.56 -11.25 -14.74
CA LEU B 13 -9.21 -10.08 -14.15
C LEU B 13 -9.29 -8.96 -15.18
N LEU B 14 -8.19 -8.70 -15.86
CA LEU B 14 -8.13 -7.65 -16.88
C LEU B 14 -9.10 -7.94 -18.03
N GLN B 15 -9.13 -9.19 -18.47
CA GLN B 15 -10.03 -9.63 -19.53
C GLN B 15 -11.50 -9.38 -19.19
N GLY B 16 -11.89 -9.74 -17.97
CA GLY B 16 -13.28 -9.57 -17.52
C GLY B 16 -13.74 -8.13 -17.59
N TYR B 17 -12.89 -7.23 -17.10
CA TYR B 17 -13.18 -5.80 -17.16
C TYR B 17 -13.24 -5.30 -18.61
N THR B 18 -12.25 -5.70 -19.42
CA THR B 18 -12.12 -5.22 -20.80
C THR B 18 -13.30 -5.65 -21.67
N VAL B 19 -13.75 -6.89 -21.51
CA VAL B 19 -14.91 -7.39 -22.25
C VAL B 19 -16.15 -6.56 -21.92
N GLU B 20 -16.36 -6.25 -20.65
CA GLU B 20 -17.49 -5.43 -20.22
C GLU B 20 -17.42 -4.02 -20.78
N VAL B 21 -16.22 -3.44 -20.81
CA VAL B 21 -16.02 -2.11 -21.41
C VAL B 21 -16.35 -2.12 -22.91
N LEU B 22 -15.80 -3.08 -23.64
CA LEU B 22 -15.98 -3.11 -25.09
C LEU B 22 -17.42 -3.40 -25.51
N ARG B 23 -18.15 -4.15 -24.68
CA ARG B 23 -19.55 -4.44 -25.02
C ARG B 23 -20.58 -3.43 -24.49
N GLN B 24 -20.46 -3.03 -23.22
CA GLN B 24 -21.42 -2.09 -22.62
C GLN B 24 -21.18 -0.64 -23.05
N GLN B 25 -19.91 -0.33 -23.37
CA GLN B 25 -19.49 1.02 -23.74
C GLN B 25 -19.89 2.08 -22.70
N PRO B 26 -19.36 1.98 -21.47
CA PRO B 26 -19.65 2.98 -20.46
C PRO B 26 -19.00 4.31 -20.82
N PRO B 27 -19.60 5.44 -20.41
CA PRO B 27 -19.04 6.74 -20.80
C PRO B 27 -17.78 7.14 -20.03
N ASP B 28 -17.64 6.68 -18.79
CA ASP B 28 -16.48 7.00 -17.95
C ASP B 28 -15.83 5.70 -17.49
N LEU B 29 -14.65 5.40 -18.02
CA LEU B 29 -13.99 4.11 -17.77
C LEU B 29 -13.52 3.93 -16.32
N VAL B 30 -13.09 5.03 -15.70
CA VAL B 30 -12.64 5.01 -14.29
C VAL B 30 -13.82 4.78 -13.35
N ASP B 31 -14.91 5.53 -13.54
CA ASP B 31 -16.12 5.33 -12.74
C ASP B 31 -16.58 3.88 -12.87
N PHE B 32 -16.60 3.37 -14.10
CA PHE B 32 -17.02 2.00 -14.35
C PHE B 32 -16.09 1.00 -13.64
N ALA B 33 -14.79 1.26 -13.67
CA ALA B 33 -13.82 0.40 -12.98
C ALA B 33 -14.11 0.30 -11.48
N VAL B 34 -14.33 1.44 -10.82
CA VAL B 34 -14.65 1.44 -9.40
C VAL B 34 -15.89 0.57 -9.14
N GLU B 35 -16.95 0.81 -9.92
CA GLU B 35 -18.21 0.09 -9.75
C GLU B 35 -18.05 -1.41 -10.00
N TYR B 36 -17.33 -1.74 -11.08
CA TYR B 36 -17.15 -3.13 -11.51
C TYR B 36 -16.35 -3.93 -10.50
N PHE B 37 -15.21 -3.39 -10.07
CA PHE B 37 -14.38 -4.11 -9.10
C PHE B 37 -14.97 -4.15 -7.71
N THR B 38 -15.70 -3.10 -7.32
CA THR B 38 -16.41 -3.09 -6.04
C THR B 38 -17.47 -4.20 -6.00
N ARG B 39 -18.27 -4.31 -7.05
CA ARG B 39 -19.27 -5.39 -7.15
C ARG B 39 -18.63 -6.78 -7.17
N LEU B 40 -17.50 -6.91 -7.85
CA LEU B 40 -16.76 -8.17 -7.90
C LEU B 40 -16.38 -8.64 -6.50
N ARG B 41 -15.85 -7.70 -5.71
CA ARG B 41 -15.41 -8.00 -4.35
C ARG B 41 -16.59 -8.37 -3.44
N GLU B 42 -17.68 -7.64 -3.58
CA GLU B 42 -18.89 -7.89 -2.79
C GLU B 42 -19.49 -9.28 -3.08
N ALA B 43 -19.39 -9.71 -4.34
CA ALA B 43 -19.96 -10.98 -4.77
C ALA B 43 -19.08 -12.18 -4.43
N ARG B 44 -17.82 -11.90 -4.07
CA ARG B 44 -16.84 -12.93 -3.75
C ARG B 44 -17.11 -13.61 -2.40
N ARG B 45 -17.82 -12.91 -1.52
CA ARG B 45 -18.16 -13.41 -0.19
C ARG B 45 -19.11 -14.60 -0.27
N GLN C 5 11.52 0.29 33.11
CA GLN C 5 12.44 0.72 32.01
C GLN C 5 11.65 1.30 30.83
N ILE C 6 10.79 0.48 30.23
CA ILE C 6 10.00 0.87 29.07
C ILE C 6 8.75 1.64 29.49
N PRO C 7 8.55 2.85 28.91
CA PRO C 7 7.41 3.70 29.26
C PRO C 7 6.07 3.08 28.87
N PRO C 8 4.99 3.46 29.56
CA PRO C 8 3.67 2.93 29.21
C PRO C 8 3.31 3.24 27.75
N GLY C 9 2.82 2.23 27.03
CA GLY C 9 2.28 2.42 25.70
C GLY C 9 3.23 2.42 24.50
N LEU C 10 4.54 2.27 24.74
CA LEU C 10 5.51 2.31 23.66
C LEU C 10 5.30 1.19 22.63
N THR C 11 5.16 -0.03 23.13
CA THR C 11 4.94 -1.18 22.25
C THR C 11 3.68 -0.98 21.43
N GLU C 12 2.62 -0.50 22.09
CA GLU C 12 1.33 -0.26 21.43
C GLU C 12 1.45 0.76 20.31
N LEU C 13 2.22 1.82 20.56
CA LEU C 13 2.47 2.84 19.54
C LEU C 13 3.21 2.26 18.33
N LEU C 14 4.28 1.51 18.59
CA LEU C 14 5.06 0.90 17.52
C LEU C 14 4.24 -0.12 16.73
N GLN C 15 3.46 -0.94 17.44
CA GLN C 15 2.64 -1.98 16.79
C GLN C 15 1.58 -1.38 15.88
N GLY C 16 0.92 -0.32 16.35
CA GLY C 16 -0.14 0.32 15.59
C GLY C 16 0.38 0.91 14.29
N TYR C 17 1.50 1.60 14.38
CA TYR C 17 2.11 2.20 13.20
C TYR C 17 2.61 1.11 12.25
N THR C 18 3.31 0.13 12.79
CA THR C 18 3.93 -0.90 11.95
C THR C 18 2.89 -1.74 11.20
N VAL C 19 1.83 -2.13 11.90
CA VAL C 19 0.80 -2.95 11.26
C VAL C 19 0.06 -2.15 10.18
N GLU C 20 -0.11 -0.84 10.40
CA GLU C 20 -0.73 -0.01 9.37
C GLU C 20 0.18 0.20 8.16
N VAL C 21 1.49 0.28 8.37
CA VAL C 21 2.42 0.31 7.25
C VAL C 21 2.24 -0.95 6.41
N LEU C 22 2.15 -2.10 7.07
CA LEU C 22 2.03 -3.37 6.37
C LEU C 22 0.68 -3.53 5.68
N ARG C 23 -0.39 -3.06 6.34
CA ARG C 23 -1.75 -3.13 5.78
C ARG C 23 -1.97 -2.16 4.62
N GLN C 24 -1.44 -0.95 4.75
CA GLN C 24 -1.71 0.14 3.79
C GLN C 24 -0.65 0.32 2.70
N GLN C 25 0.56 -0.16 2.95
CA GLN C 25 1.65 -0.03 1.98
C GLN C 25 1.82 1.40 1.44
N PRO C 26 2.05 2.38 2.34
CA PRO C 26 2.22 3.77 1.93
C PRO C 26 3.48 3.99 1.10
N PRO C 27 3.44 4.93 0.15
CA PRO C 27 4.60 5.16 -0.72
C PRO C 27 5.82 5.69 0.04
N ASP C 28 5.60 6.45 1.11
CA ASP C 28 6.69 7.01 1.92
C ASP C 28 6.44 6.82 3.41
N LEU C 29 7.39 6.15 4.08
CA LEU C 29 7.25 5.80 5.50
C LEU C 29 7.21 7.00 6.44
N VAL C 30 8.04 8.00 6.17
CA VAL C 30 8.09 9.20 7.02
C VAL C 30 6.83 10.05 6.86
N ASP C 31 6.40 10.27 5.62
CA ASP C 31 5.13 10.95 5.35
C ASP C 31 3.99 10.26 6.09
N PHE C 32 3.94 8.93 5.98
CA PHE C 32 2.90 8.16 6.65
C PHE C 32 2.97 8.29 8.18
N ALA C 33 4.17 8.31 8.73
CA ALA C 33 4.36 8.52 10.18
C ALA C 33 3.78 9.87 10.62
N VAL C 34 4.12 10.93 9.88
CA VAL C 34 3.57 12.25 10.19
C VAL C 34 2.04 12.19 10.20
N GLU C 35 1.46 11.60 9.16
CA GLU C 35 0.00 11.49 9.02
C GLU C 35 -0.63 10.63 10.11
N TYR C 36 -0.04 9.46 10.36
CA TYR C 36 -0.55 8.49 11.35
C TYR C 36 -0.59 9.06 12.77
N PHE C 37 0.54 9.60 13.23
CA PHE C 37 0.62 10.10 14.61
C PHE C 37 -0.13 11.40 14.84
N THR C 38 -0.30 12.18 13.77
CA THR C 38 -1.13 13.40 13.82
C THR C 38 -2.60 13.05 13.99
N ARG C 39 -3.07 12.04 13.25
CA ARG C 39 -4.42 11.51 13.41
C ARG C 39 -4.65 11.03 14.84
N LEU C 40 -3.68 10.29 15.37
CA LEU C 40 -3.73 9.77 16.74
C LEU C 40 -3.81 10.89 17.78
N ARG C 41 -2.99 11.93 17.58
CA ARG C 41 -3.01 13.12 18.44
C ARG C 41 -4.36 13.83 18.42
N GLU C 42 -5.00 13.87 17.24
CA GLU C 42 -6.29 14.55 17.08
C GLU C 42 -7.48 13.73 17.56
N ALA C 43 -7.41 12.41 17.42
CA ALA C 43 -8.48 11.50 17.84
C ALA C 43 -8.63 11.47 19.36
N ARG C 44 -7.54 11.78 20.06
CA ARG C 44 -7.52 11.81 21.51
C ARG C 44 -7.93 13.19 22.03
N SER D 2 -2.23 -13.60 -0.62
CA SER D 2 -2.34 -13.20 0.80
C SER D 2 -0.97 -13.13 1.48
N HIS D 3 0.04 -12.79 0.70
CA HIS D 3 1.36 -12.48 1.24
C HIS D 3 1.34 -11.08 1.84
N ILE D 4 2.49 -10.69 2.40
CA ILE D 4 2.70 -9.32 2.84
C ILE D 4 4.06 -8.80 2.36
N GLN D 5 4.00 -7.44 1.75
CA GLN D 5 5.36 -6.92 1.54
C GLN D 5 5.96 -6.11 2.68
N ILE D 6 7.24 -6.31 2.94
CA ILE D 6 7.96 -5.53 3.95
C ILE D 6 8.85 -4.47 3.29
N PRO D 7 8.57 -3.18 3.53
CA PRO D 7 9.39 -2.15 2.89
C PRO D 7 10.76 -1.97 3.53
N PRO D 8 11.77 -1.59 2.74
CA PRO D 8 13.09 -1.26 3.27
C PRO D 8 13.00 -0.01 4.14
N GLY D 9 13.83 0.05 5.16
CA GLY D 9 13.90 1.24 6.01
C GLY D 9 12.88 1.31 7.13
N LEU D 10 11.95 0.35 7.17
CA LEU D 10 10.95 0.30 8.25
C LEU D 10 11.59 0.05 9.61
N THR D 11 12.46 -0.96 9.71
CA THR D 11 13.15 -1.28 10.95
C THR D 11 14.03 -0.11 11.43
N GLU D 12 14.77 0.50 10.50
CA GLU D 12 15.63 1.64 10.85
C GLU D 12 14.83 2.83 11.38
N LEU D 13 13.70 3.12 10.74
CA LEU D 13 12.82 4.20 11.17
C LEU D 13 12.32 3.98 12.60
N LEU D 14 11.84 2.77 12.88
CA LEU D 14 11.31 2.40 14.19
C LEU D 14 12.41 2.49 15.24
N GLN D 15 13.60 1.99 14.89
CA GLN D 15 14.77 2.02 15.78
C GLN D 15 15.16 3.45 16.16
N GLY D 16 15.23 4.34 15.18
CA GLY D 16 15.57 5.75 15.42
C GLY D 16 14.65 6.43 16.43
N TYR D 17 13.34 6.23 16.25
CA TYR D 17 12.35 6.78 17.18
C TYR D 17 12.50 6.19 18.59
N THR D 18 12.60 4.86 18.66
CA THR D 18 12.64 4.12 19.93
C THR D 18 13.87 4.49 20.76
N VAL D 19 15.02 4.59 20.11
CA VAL D 19 16.23 4.99 20.85
C VAL D 19 16.12 6.39 21.45
N GLU D 20 15.49 7.31 20.73
CA GLU D 20 15.25 8.67 21.25
C GLU D 20 14.27 8.66 22.41
N VAL D 21 13.22 7.86 22.31
CA VAL D 21 12.25 7.72 23.41
C VAL D 21 12.92 7.18 24.67
N LEU D 22 13.66 6.08 24.55
CA LEU D 22 14.32 5.46 25.69
C LEU D 22 15.38 6.37 26.33
N ARG D 23 16.08 7.14 25.50
CA ARG D 23 17.12 8.03 25.98
C ARG D 23 16.56 9.33 26.58
N GLN D 24 15.80 10.08 25.77
CA GLN D 24 15.29 11.40 26.19
C GLN D 24 14.17 11.34 27.23
N GLN D 25 13.42 10.23 27.21
CA GLN D 25 12.25 10.02 28.10
C GLN D 25 11.23 11.16 28.04
N PRO D 26 10.60 11.37 26.87
CA PRO D 26 9.58 12.40 26.72
C PRO D 26 8.31 12.04 27.50
N PRO D 27 7.55 13.06 27.95
CA PRO D 27 6.35 12.80 28.74
C PRO D 27 5.15 12.28 27.95
N ASP D 28 5.09 12.59 26.66
CA ASP D 28 4.00 12.15 25.79
C ASP D 28 4.59 11.57 24.51
N LEU D 29 4.36 10.27 24.30
CA LEU D 29 4.97 9.54 23.17
C LEU D 29 4.40 9.93 21.81
N VAL D 30 3.09 10.19 21.78
CA VAL D 30 2.41 10.61 20.56
C VAL D 30 2.86 12.00 20.12
N ASP D 31 2.84 12.95 21.06
CA ASP D 31 3.33 14.31 20.80
C ASP D 31 4.76 14.27 20.27
N PHE D 32 5.60 13.49 20.95
CA PHE D 32 7.00 13.35 20.55
C PHE D 32 7.13 12.76 19.14
N ALA D 33 6.29 11.77 18.82
CA ALA D 33 6.27 11.16 17.49
C ALA D 33 5.95 12.17 16.40
N VAL D 34 4.94 13.01 16.60
CA VAL D 34 4.60 14.03 15.61
C VAL D 34 5.80 14.96 15.37
N GLU D 35 6.39 15.44 16.46
CA GLU D 35 7.53 16.36 16.39
C GLU D 35 8.76 15.71 15.73
N TYR D 36 9.07 14.48 16.17
CA TYR D 36 10.22 13.72 15.67
C TYR D 36 10.13 13.45 14.17
N PHE D 37 9.00 12.90 13.72
CA PHE D 37 8.85 12.55 12.30
C PHE D 37 8.69 13.79 11.41
N THR D 38 8.10 14.85 11.96
CA THR D 38 7.95 16.10 11.21
C THR D 38 9.33 16.71 10.92
N ARG D 39 10.19 16.73 11.94
CA ARG D 39 11.57 17.22 11.77
C ARG D 39 12.37 16.37 10.79
N LEU D 40 12.19 15.05 10.86
CA LEU D 40 12.84 14.12 9.92
C LEU D 40 12.49 14.45 8.46
N ARG D 41 11.20 14.65 8.20
CA ARG D 41 10.70 15.00 6.88
C ARG D 41 11.29 16.33 6.38
N GLU D 42 11.32 17.32 7.26
CA GLU D 42 11.84 18.65 6.93
C GLU D 42 13.35 18.63 6.64
N ALA D 43 14.07 17.71 7.30
CA ALA D 43 15.52 17.60 7.15
C ALA D 43 15.94 16.86 5.88
N ARG D 44 15.02 16.10 5.29
CA ARG D 44 15.31 15.29 4.11
C ARG D 44 15.53 16.15 2.86
N GLU E 2 8.99 -0.02 -13.19
CA GLU E 2 9.16 -0.05 -14.67
C GLU E 2 10.47 -0.69 -15.14
N GLU E 3 11.04 -0.11 -16.21
CA GLU E 3 11.93 -0.86 -17.10
C GLU E 3 11.35 -2.26 -17.37
N LEU E 4 11.96 -3.38 -16.59
CA LEU E 4 11.25 -4.65 -16.98
C LEU E 4 9.75 -4.72 -16.69
N ALA E 5 9.33 -4.16 -15.56
CA ALA E 5 7.90 -4.12 -15.21
C ALA E 5 7.05 -3.45 -16.29
N TRP E 6 7.57 -2.37 -16.87
CA TRP E 6 6.86 -1.68 -17.96
C TRP E 6 6.71 -2.57 -19.18
N LYS E 7 7.81 -3.17 -19.61
CA LYS E 7 7.84 -4.05 -20.78
C LYS E 7 6.86 -5.21 -20.62
N ILE E 8 6.89 -5.85 -19.46
CA ILE E 8 6.01 -6.98 -19.20
C ILE E 8 4.53 -6.55 -19.12
N ALA E 9 4.27 -5.41 -18.47
CA ALA E 9 2.90 -4.89 -18.40
C ALA E 9 2.35 -4.66 -19.79
N LYS E 10 3.16 -4.06 -20.65
CA LYS E 10 2.76 -3.78 -22.03
C LYS E 10 2.40 -5.08 -22.75
N MET E 11 3.20 -6.11 -22.53
CA MET E 11 2.99 -7.42 -23.12
C MET E 11 1.64 -8.01 -22.68
N ILE E 12 1.37 -7.92 -21.38
CA ILE E 12 0.14 -8.46 -20.79
C ILE E 12 -1.09 -7.72 -21.32
N VAL E 13 -1.02 -6.39 -21.32
CA VAL E 13 -2.12 -5.55 -21.80
C VAL E 13 -2.41 -5.82 -23.28
N SER E 14 -1.35 -5.93 -24.07
CA SER E 14 -1.48 -6.22 -25.51
C SER E 14 -2.19 -7.55 -25.74
N ASP E 15 -1.83 -8.56 -24.95
CA ASP E 15 -2.47 -9.87 -25.01
C ASP E 15 -3.96 -9.80 -24.67
N VAL E 16 -4.29 -9.07 -23.61
CA VAL E 16 -5.70 -8.87 -23.21
C VAL E 16 -6.50 -8.22 -24.35
N MET E 17 -5.94 -7.16 -24.92
CA MET E 17 -6.60 -6.41 -26.01
C MET E 17 -6.78 -7.25 -27.27
N GLN E 18 -5.82 -8.13 -27.54
CA GLN E 18 -5.89 -9.04 -28.69
C GLN E 18 -6.98 -10.10 -28.53
N GLN E 19 -7.08 -10.66 -27.32
CA GLN E 19 -8.10 -11.68 -27.02
C GLN E 19 -9.52 -11.09 -26.96
N CYS E 20 -9.62 -9.86 -26.45
CA CYS E 20 -10.92 -9.19 -26.30
C CYS E 20 -11.37 -8.50 -27.59
N GLU F 2 -4.49 -8.00 11.32
CA GLU F 2 -4.56 -8.39 9.89
C GLU F 2 -3.77 -9.68 9.71
N GLU F 3 -4.31 -10.76 10.25
CA GLU F 3 -3.52 -11.95 10.60
C GLU F 3 -2.04 -11.92 10.19
N LEU F 4 -1.69 -12.21 8.93
CA LEU F 4 -0.27 -12.22 8.55
C LEU F 4 0.41 -10.88 8.86
N ALA F 5 -0.23 -9.77 8.46
CA ALA F 5 0.33 -8.45 8.72
C ALA F 5 0.53 -8.22 10.22
N TRP F 6 -0.40 -8.71 11.04
CA TRP F 6 -0.29 -8.57 12.50
C TRP F 6 0.91 -9.35 13.05
N LYS F 7 1.03 -10.61 12.63
CA LYS F 7 2.11 -11.50 13.08
C LYS F 7 3.46 -10.92 12.71
N ILE F 8 3.58 -10.40 11.50
CA ILE F 8 4.86 -9.85 11.04
C ILE F 8 5.17 -8.53 11.75
N ALA F 9 4.16 -7.68 11.91
CA ALA F 9 4.34 -6.44 12.67
C ALA F 9 4.86 -6.72 14.09
N LYS F 10 4.28 -7.71 14.75
CA LYS F 10 4.66 -8.09 16.12
C LYS F 10 6.12 -8.54 16.16
N MET F 11 6.51 -9.32 15.15
CA MET F 11 7.88 -9.78 15.00
C MET F 11 8.85 -8.61 14.85
N ILE F 12 8.51 -7.65 13.98
CA ILE F 12 9.36 -6.50 13.70
C ILE F 12 9.52 -5.63 14.95
N VAL F 13 8.40 -5.35 15.62
CA VAL F 13 8.41 -4.51 16.82
C VAL F 13 9.22 -5.17 17.95
N SER F 14 9.04 -6.47 18.12
CA SER F 14 9.80 -7.23 19.13
C SER F 14 11.31 -7.12 18.92
N ASP F 15 11.76 -7.24 17.67
CA ASP F 15 13.18 -7.11 17.33
C ASP F 15 13.70 -5.70 17.64
N VAL F 16 12.93 -4.69 17.25
CA VAL F 16 13.25 -3.30 17.57
C VAL F 16 13.45 -3.13 19.08
N MET F 17 12.48 -3.61 19.86
CA MET F 17 12.50 -3.48 21.32
C MET F 17 13.69 -4.21 21.95
N GLN F 18 14.00 -5.40 21.44
CA GLN F 18 15.14 -6.20 21.91
C GLN F 18 16.47 -5.54 21.57
N GLN F 19 16.56 -4.96 20.37
CA GLN F 19 17.77 -4.29 19.91
C GLN F 19 18.04 -2.97 20.63
N CYS F 20 16.97 -2.29 21.04
CA CYS F 20 17.07 -1.00 21.71
C CYS F 20 17.31 -1.12 23.21
N LYS F 21 16.98 -2.29 23.77
CA LYS F 21 17.21 -2.57 25.19
C LYS F 21 18.62 -3.09 25.44
C1 GOL G . -25.06 -1.41 -14.03
O1 GOL G . -26.10 -0.57 -13.57
C2 GOL G . -23.66 -0.78 -13.99
O2 GOL G . -23.73 0.63 -13.87
C3 GOL G . -22.83 -1.15 -15.21
O3 GOL G . -22.53 -2.52 -15.29
#